data_4E20
#
_entry.id   4E20
#
_cell.length_a   67.280
_cell.length_b   67.280
_cell.length_c   154.912
_cell.angle_alpha   90.00
_cell.angle_beta   90.00
_cell.angle_gamma   120.00
#
_symmetry.space_group_name_H-M   'P 31 2 1'
#
loop_
_entity.id
_entity.type
_entity.pdbx_description
1 polymer 'Non-receptor tyrosine-protein kinase TYK2'
2 non-polymer N-[4-(3-amino-1H-indazol-5-yl)phenyl]-3-chlorobenzenesulfonamide
3 water water
#
_entity_poly.entity_id   1
_entity_poly.type   'polypeptide(L)'
_entity_poly.pdbx_seq_one_letter_code
;DPTVFHKRYLKKIRDLGEGHFGKVSLYCYDPTNDGTGEMVAVKALKEGCGPQLRSGWQREIEILRTLYHEHIVKYKGCCE
DQGEKSVQLVMEYVPLGSLRDYLPRHCVGLAQLLLFAQQICEGMAYLHAQHYIHRALAARNVLLDNDRLVKIGDFGLAKA
VPEGHEYYRVREDGDSPVFWYAPECLKECKFYYASDVWSFGVTLYELLTYCDSNQSPHTKFTELIGHTQGQMTVLRLTEL
LERGERLPRPDRCPCEIYHLMKNCWETEASFRPTFQNLVPILQTAQEKYQ
;
_entity_poly.pdbx_strand_id   A
#
loop_
_chem_comp.id
_chem_comp.type
_chem_comp.name
_chem_comp.formula
0MY non-polymer N-[4-(3-amino-1H-indazol-5-yl)phenyl]-3-chlorobenzenesulfonamide 'C19 H15 Cl N4 O2 S'
#
# COMPACT_ATOMS: atom_id res chain seq x y z
N ASP A 1 24.15 -2.15 -16.04
CA ASP A 1 25.21 -2.49 -15.07
C ASP A 1 24.87 -2.26 -13.59
N PRO A 2 24.57 -1.02 -13.07
CA PRO A 2 24.15 -0.92 -11.65
C PRO A 2 22.75 -1.53 -11.40
N THR A 3 22.03 -1.82 -12.49
CA THR A 3 20.71 -2.47 -12.56
C THR A 3 20.90 -4.00 -12.67
N VAL A 4 22.15 -4.45 -12.75
CA VAL A 4 22.48 -5.85 -12.87
C VAL A 4 23.06 -6.36 -11.57
N PHE A 5 22.38 -7.34 -10.99
CA PHE A 5 22.75 -7.98 -9.75
C PHE A 5 22.90 -9.46 -10.06
N HIS A 6 24.06 -10.01 -9.73
CA HIS A 6 24.38 -11.41 -9.98
C HIS A 6 24.15 -12.16 -8.70
N LYS A 7 23.47 -13.32 -8.79
CA LYS A 7 23.17 -14.21 -7.67
C LYS A 7 24.39 -14.51 -6.82
N ARG A 8 25.57 -14.67 -7.45
CA ARG A 8 26.86 -14.98 -6.80
C ARG A 8 27.26 -13.99 -5.72
N TYR A 9 26.77 -12.74 -5.79
CA TYR A 9 27.07 -11.67 -4.82
C TYR A 9 25.94 -11.38 -3.83
N LEU A 10 24.83 -12.13 -3.95
CA LEU A 10 23.65 -12.02 -3.10
C LEU A 10 23.65 -13.03 -1.93
N LYS A 11 23.71 -12.51 -0.70
CA LYS A 11 23.72 -13.28 0.53
C LYS A 11 22.43 -12.95 1.30
N LYS A 12 21.56 -13.96 1.42
CA LYS A 12 20.29 -13.80 2.13
C LYS A 12 20.53 -13.57 3.60
N ILE A 13 19.93 -12.49 4.13
CA ILE A 13 20.03 -12.14 5.53
C ILE A 13 18.75 -12.58 6.23
N ARG A 14 17.59 -12.02 5.87
CA ARG A 14 16.32 -12.44 6.46
C ARG A 14 15.12 -12.26 5.51
N ASP A 15 13.91 -12.66 5.96
CA ASP A 15 12.67 -12.52 5.22
C ASP A 15 12.06 -11.17 5.56
N LEU A 16 11.50 -10.46 4.56
CA LEU A 16 10.91 -9.13 4.80
C LEU A 16 9.39 -9.11 4.71
N GLY A 17 8.83 -10.05 3.97
CA GLY A 17 7.39 -10.16 3.76
C GLY A 17 7.05 -11.23 2.76
N GLU A 18 5.78 -11.60 2.75
CA GLU A 18 5.26 -12.65 1.87
C GLU A 18 3.77 -12.42 1.62
N GLY A 19 3.41 -12.43 0.35
CA GLY A 19 2.03 -12.33 -0.11
C GLY A 19 1.61 -13.66 -0.70
N HIS A 20 0.47 -13.68 -1.41
CA HIS A 20 0.03 -14.92 -2.02
C HIS A 20 0.95 -15.41 -3.14
N PHE A 21 1.48 -14.51 -3.95
CA PHE A 21 2.30 -14.88 -5.10
C PHE A 21 3.80 -14.54 -5.01
N GLY A 22 4.15 -13.48 -4.27
CA GLY A 22 5.52 -13.01 -4.13
C GLY A 22 6.17 -13.21 -2.78
N LYS A 23 7.50 -13.02 -2.73
CA LYS A 23 8.29 -13.12 -1.50
C LYS A 23 9.39 -12.02 -1.48
N VAL A 24 9.49 -11.24 -0.39
CA VAL A 24 10.52 -10.20 -0.24
C VAL A 24 11.50 -10.64 0.80
N SER A 25 12.81 -10.56 0.50
CA SER A 25 13.88 -10.93 1.44
C SER A 25 15.02 -9.89 1.41
N LEU A 26 15.67 -9.73 2.56
CA LEU A 26 16.81 -8.84 2.67
C LEU A 26 18.08 -9.58 2.30
N TYR A 27 18.89 -8.94 1.45
CA TYR A 27 20.19 -9.43 0.95
C TYR A 27 21.27 -8.39 1.10
N CYS A 28 22.51 -8.87 1.22
CA CYS A 28 23.67 -8.01 1.17
C CYS A 28 24.22 -8.21 -0.23
N TYR A 29 24.42 -7.12 -0.97
CA TYR A 29 25.03 -7.22 -2.29
C TYR A 29 26.45 -6.70 -2.17
N ASP A 30 27.44 -7.62 -2.13
CA ASP A 30 28.86 -7.27 -2.03
C ASP A 30 29.67 -7.86 -3.19
N PRO A 31 29.76 -7.15 -4.34
CA PRO A 31 30.53 -7.69 -5.48
C PRO A 31 32.04 -7.76 -5.24
N THR A 32 32.55 -6.88 -4.34
CA THR A 32 33.96 -6.79 -3.95
C THR A 32 34.27 -7.68 -2.72
N ASN A 33 33.27 -8.49 -2.25
CA ASN A 33 33.34 -9.37 -1.07
C ASN A 33 34.15 -8.78 0.14
N ASP A 34 34.14 -7.42 0.29
CA ASP A 34 34.86 -6.69 1.34
C ASP A 34 33.98 -6.04 2.46
N GLY A 35 33.32 -4.92 2.15
CA GLY A 35 32.46 -4.18 3.08
C GLY A 35 31.76 -2.95 2.51
N THR A 36 32.22 -2.49 1.32
CA THR A 36 31.66 -1.34 0.59
C THR A 36 30.34 -1.69 -0.10
N GLY A 37 29.82 -2.90 0.16
CA GLY A 37 28.57 -3.40 -0.40
C GLY A 37 27.33 -2.71 0.15
N GLU A 38 26.16 -3.20 -0.23
CA GLU A 38 24.90 -2.64 0.27
C GLU A 38 23.85 -3.69 0.54
N MET A 39 22.91 -3.32 1.38
CA MET A 39 21.72 -4.06 1.72
C MET A 39 20.71 -3.68 0.64
N VAL A 40 20.03 -4.68 0.10
CA VAL A 40 18.96 -4.52 -0.89
C VAL A 40 17.76 -5.40 -0.49
N ALA A 41 16.59 -5.10 -1.00
CA ALA A 41 15.42 -5.95 -0.77
C ALA A 41 15.20 -6.61 -2.10
N VAL A 42 15.07 -7.95 -2.08
CA VAL A 42 14.87 -8.72 -3.31
C VAL A 42 13.52 -9.44 -3.26
N LYS A 43 12.65 -9.08 -4.22
CA LYS A 43 11.33 -9.68 -4.42
C LYS A 43 11.38 -10.75 -5.56
N ALA A 44 10.80 -11.89 -5.29
CA ALA A 44 10.71 -12.98 -6.24
C ALA A 44 9.31 -13.55 -6.24
N LEU A 45 8.89 -14.11 -7.40
CA LEU A 45 7.62 -14.84 -7.51
C LEU A 45 7.85 -16.18 -6.80
N LYS A 46 6.82 -16.68 -6.11
CA LYS A 46 6.95 -18.01 -5.49
C LYS A 46 6.83 -19.08 -6.55
N GLU A 47 7.28 -20.29 -6.23
CA GLU A 47 7.18 -21.46 -7.10
C GLU A 47 5.70 -21.79 -7.29
N GLY A 48 5.30 -21.98 -8.55
CA GLY A 48 3.96 -22.39 -8.91
C GLY A 48 3.05 -21.32 -9.46
N CYS A 49 3.62 -20.21 -9.92
CA CYS A 49 2.82 -19.12 -10.44
C CYS A 49 2.37 -19.36 -11.86
N GLY A 50 1.09 -19.04 -12.10
CA GLY A 50 0.41 -19.18 -13.38
C GLY A 50 1.01 -18.30 -14.47
N PRO A 51 0.65 -18.54 -15.75
CA PRO A 51 1.20 -17.71 -16.84
C PRO A 51 0.78 -16.24 -16.72
N GLN A 52 -0.47 -16.00 -16.28
CA GLN A 52 -1.02 -14.66 -16.12
C GLN A 52 -0.36 -13.91 -14.95
N LEU A 53 0.12 -14.66 -13.93
CA LEU A 53 0.86 -14.15 -12.78
C LEU A 53 2.28 -13.72 -13.22
N ARG A 54 2.89 -14.48 -14.15
CA ARG A 54 4.23 -14.22 -14.70
C ARG A 54 4.26 -13.01 -15.62
N SER A 55 3.21 -12.81 -16.42
CA SER A 55 3.10 -11.68 -17.35
C SER A 55 2.83 -10.38 -16.56
N GLY A 56 2.02 -10.51 -15.51
CA GLY A 56 1.73 -9.43 -14.57
C GLY A 56 2.98 -9.06 -13.78
N TRP A 57 3.84 -10.07 -13.42
CA TRP A 57 5.11 -9.84 -12.73
C TRP A 57 6.07 -9.00 -13.58
N GLN A 58 6.06 -9.20 -14.91
CA GLN A 58 6.84 -8.41 -15.88
C GLN A 58 6.33 -6.96 -15.89
N ARG A 59 5.00 -6.80 -15.81
CA ARG A 59 4.41 -5.47 -15.81
C ARG A 59 4.72 -4.74 -14.53
N GLU A 60 4.73 -5.45 -13.38
CA GLU A 60 5.03 -4.90 -12.06
C GLU A 60 6.45 -4.33 -12.02
N ILE A 61 7.41 -5.08 -12.60
CA ILE A 61 8.82 -4.67 -12.64
C ILE A 61 8.94 -3.43 -13.52
N GLU A 62 8.20 -3.39 -14.65
CA GLU A 62 8.17 -2.27 -15.56
C GLU A 62 7.56 -1.04 -14.88
N ILE A 63 6.49 -1.25 -14.08
CA ILE A 63 5.80 -0.21 -13.32
C ILE A 63 6.73 0.46 -12.31
N LEU A 64 7.47 -0.33 -11.50
CA LEU A 64 8.40 0.22 -10.50
C LEU A 64 9.61 0.98 -11.12
N ARG A 65 10.10 0.52 -12.29
CA ARG A 65 11.17 1.18 -13.05
C ARG A 65 10.74 2.60 -13.47
N THR A 66 9.46 2.76 -13.82
CA THR A 66 8.79 3.99 -14.28
C THR A 66 8.57 4.99 -13.16
N LEU A 67 8.25 4.51 -11.95
CA LEU A 67 7.97 5.36 -10.79
C LEU A 67 9.23 5.87 -10.11
N TYR A 68 9.27 7.21 -9.93
CA TYR A 68 10.33 7.99 -9.26
C TYR A 68 9.67 9.00 -8.35
N HIS A 69 9.73 8.75 -7.05
CA HIS A 69 9.16 9.63 -6.04
C HIS A 69 9.83 9.36 -4.73
N GLU A 70 9.89 10.40 -3.91
CA GLU A 70 10.46 10.37 -2.57
C GLU A 70 9.67 9.40 -1.64
N HIS A 71 8.40 9.10 -1.99
CA HIS A 71 7.53 8.26 -1.17
C HIS A 71 7.08 6.97 -1.86
N ILE A 72 7.91 6.51 -2.80
CA ILE A 72 7.78 5.27 -3.55
C ILE A 72 9.13 4.53 -3.46
N VAL A 73 9.09 3.25 -3.09
CA VAL A 73 10.30 2.43 -2.96
C VAL A 73 11.11 2.46 -4.26
N LYS A 74 12.40 2.85 -4.19
CA LYS A 74 13.30 2.95 -5.35
C LYS A 74 13.62 1.59 -5.90
N TYR A 75 13.46 1.47 -7.21
CA TYR A 75 13.85 0.31 -7.99
C TYR A 75 15.37 0.41 -8.13
N LYS A 76 16.09 -0.71 -8.03
CA LYS A 76 17.54 -0.69 -8.18
C LYS A 76 17.97 -1.49 -9.40
N GLY A 77 17.29 -2.60 -9.63
CA GLY A 77 17.61 -3.45 -10.76
C GLY A 77 16.94 -4.80 -10.75
N CYS A 78 17.55 -5.75 -11.45
CA CYS A 78 17.08 -7.11 -11.59
C CYS A 78 18.21 -8.08 -11.40
N CYS A 79 17.82 -9.31 -11.04
CA CYS A 79 18.65 -10.48 -10.86
C CYS A 79 18.01 -11.53 -11.74
N GLU A 80 18.69 -11.87 -12.85
CA GLU A 80 18.19 -12.81 -13.86
C GLU A 80 18.79 -14.19 -13.72
N ASP A 81 17.95 -15.23 -13.96
CA ASP A 81 18.31 -16.65 -13.83
C ASP A 81 18.23 -17.41 -15.18
N SER A 86 13.68 -17.04 -15.20
CA SER A 86 13.02 -16.31 -14.10
C SER A 86 13.71 -14.95 -13.76
N VAL A 87 12.96 -14.01 -13.10
CA VAL A 87 13.47 -12.68 -12.72
C VAL A 87 13.14 -12.28 -11.26
N GLN A 88 14.11 -11.63 -10.60
CA GLN A 88 13.97 -11.13 -9.26
C GLN A 88 14.06 -9.62 -9.27
N LEU A 89 13.12 -8.96 -8.59
CA LEU A 89 13.08 -7.51 -8.47
C LEU A 89 13.99 -7.04 -7.30
N VAL A 90 15.01 -6.21 -7.62
CA VAL A 90 15.92 -5.64 -6.65
C VAL A 90 15.49 -4.17 -6.34
N MET A 91 15.33 -3.88 -5.05
CA MET A 91 14.88 -2.59 -4.57
C MET A 91 15.79 -2.10 -3.47
N GLU A 92 15.60 -0.85 -3.03
CA GLU A 92 16.35 -0.28 -1.93
C GLU A 92 15.89 -0.96 -0.63
N TYR A 93 16.75 -0.99 0.39
CA TYR A 93 16.32 -1.51 1.69
C TYR A 93 15.84 -0.31 2.49
N VAL A 94 14.55 -0.36 2.91
CA VAL A 94 13.86 0.67 3.73
C VAL A 94 13.85 0.07 5.16
N PRO A 95 14.84 0.52 5.98
CA PRO A 95 15.14 -0.18 7.27
C PRO A 95 14.10 -0.48 8.35
N LEU A 96 13.15 0.41 8.62
CA LEU A 96 12.21 0.15 9.69
C LEU A 96 11.05 -0.77 9.38
N GLY A 97 10.97 -1.21 8.12
CA GLY A 97 9.96 -2.16 7.66
C GLY A 97 8.60 -1.53 7.49
N SER A 98 7.57 -2.36 7.45
CA SER A 98 6.21 -1.89 7.25
C SER A 98 5.59 -1.23 8.47
N LEU A 99 4.62 -0.32 8.25
CA LEU A 99 3.89 0.31 9.33
C LEU A 99 3.03 -0.71 10.09
N ARG A 100 2.59 -1.83 9.46
CA ARG A 100 1.80 -2.88 10.14
C ARG A 100 2.66 -3.59 11.21
N ASP A 101 3.94 -3.83 10.92
CA ASP A 101 4.88 -4.47 11.86
C ASP A 101 5.45 -3.45 12.86
N TYR A 102 5.68 -2.22 12.41
CA TYR A 102 6.29 -1.14 13.17
C TYR A 102 5.42 -0.57 14.27
N LEU A 103 4.22 -0.08 13.94
CA LEU A 103 3.34 0.60 14.90
C LEU A 103 2.96 -0.13 16.19
N PRO A 104 2.64 -1.45 16.23
CA PRO A 104 2.25 -2.05 17.52
C PRO A 104 3.37 -2.16 18.55
N ARG A 105 4.63 -2.11 18.09
CA ARG A 105 5.85 -2.27 18.87
C ARG A 105 6.57 -0.93 19.02
N HIS A 106 5.94 0.17 18.59
CA HIS A 106 6.59 1.48 18.67
C HIS A 106 5.70 2.60 19.16
N CYS A 107 6.36 3.70 19.47
CA CYS A 107 5.72 4.88 20.00
C CYS A 107 5.78 5.94 18.91
N VAL A 108 4.61 6.27 18.37
CA VAL A 108 4.44 7.20 17.27
C VAL A 108 3.24 8.06 17.62
N GLY A 109 3.50 9.34 17.80
CA GLY A 109 2.47 10.29 18.17
C GLY A 109 1.55 10.66 17.02
N LEU A 110 0.45 11.34 17.34
CA LEU A 110 -0.50 11.77 16.35
C LEU A 110 0.12 12.63 15.25
N ALA A 111 0.89 13.68 15.58
CA ALA A 111 1.54 14.54 14.56
C ALA A 111 2.41 13.75 13.55
N GLN A 112 3.17 12.74 14.04
CA GLN A 112 4.02 11.86 13.20
C GLN A 112 3.18 10.97 12.27
N LEU A 113 2.06 10.41 12.78
CA LEU A 113 1.12 9.62 12.00
C LEU A 113 0.59 10.45 10.85
N LEU A 114 0.13 11.67 11.16
CA LEU A 114 -0.39 12.58 10.16
C LEU A 114 0.65 12.96 9.11
N LEU A 115 1.96 12.94 9.47
CA LEU A 115 3.07 13.19 8.54
C LEU A 115 3.17 12.00 7.53
N PHE A 116 3.11 10.75 8.07
CA PHE A 116 3.10 9.48 7.32
C PHE A 116 1.91 9.50 6.36
N ALA A 117 0.68 9.80 6.89
CA ALA A 117 -0.55 9.93 6.11
C ALA A 117 -0.41 10.94 4.94
N GLN A 118 0.27 12.07 5.17
CA GLN A 118 0.50 13.11 4.16
C GLN A 118 1.46 12.60 3.06
N GLN A 119 2.58 11.95 3.47
CA GLN A 119 3.58 11.37 2.55
C GLN A 119 2.99 10.24 1.68
N ILE A 120 2.09 9.40 2.27
CA ILE A 120 1.38 8.36 1.54
C ILE A 120 0.58 9.05 0.43
N CYS A 121 -0.21 10.12 0.79
CA CYS A 121 -1.00 10.93 -0.16
C CYS A 121 -0.16 11.56 -1.28
N GLU A 122 1.06 12.00 -0.96
CA GLU A 122 2.02 12.55 -1.92
C GLU A 122 2.43 11.51 -2.98
N GLY A 123 2.87 10.33 -2.55
CA GLY A 123 3.26 9.22 -3.43
C GLY A 123 2.08 8.70 -4.23
N MET A 124 0.90 8.66 -3.58
CA MET A 124 -0.34 8.23 -4.19
C MET A 124 -0.86 9.24 -5.24
N ALA A 125 -0.67 10.55 -4.99
CA ALA A 125 -1.06 11.63 -5.90
C ALA A 125 -0.14 11.58 -7.14
N TYR A 126 1.14 11.21 -6.95
CA TYR A 126 2.07 11.03 -8.05
C TYR A 126 1.69 9.79 -8.85
N LEU A 127 1.29 8.68 -8.18
CA LEU A 127 0.92 7.42 -8.81
C LEU A 127 -0.27 7.58 -9.78
N HIS A 128 -1.34 8.20 -9.29
CA HIS A 128 -2.55 8.54 -10.05
C HIS A 128 -2.19 9.49 -11.23
N ALA A 129 -1.27 10.46 -11.01
CA ALA A 129 -0.84 11.40 -12.06
C ALA A 129 -0.11 10.68 -13.19
N GLN A 130 0.48 9.51 -12.87
CA GLN A 130 1.22 8.65 -13.79
C GLN A 130 0.27 7.65 -14.43
N HIS A 131 -1.03 7.82 -14.17
CA HIS A 131 -2.15 7.00 -14.66
C HIS A 131 -2.10 5.51 -14.27
N TYR A 132 -1.91 5.28 -12.94
CA TYR A 132 -1.86 3.98 -12.29
C TYR A 132 -2.76 3.99 -11.04
N ILE A 133 -3.45 2.89 -10.81
CA ILE A 133 -4.26 2.61 -9.63
C ILE A 133 -3.40 1.59 -8.84
N HIS A 134 -3.35 1.71 -7.50
CA HIS A 134 -2.52 0.83 -6.68
C HIS A 134 -3.19 -0.52 -6.39
N ARG A 135 -4.44 -0.44 -5.88
CA ARG A 135 -5.35 -1.56 -5.52
C ARG A 135 -5.05 -2.33 -4.24
N ALA A 136 -3.94 -2.04 -3.54
CA ALA A 136 -3.55 -2.74 -2.30
C ALA A 136 -2.90 -1.76 -1.26
N LEU A 137 -3.54 -0.58 -1.10
CA LEU A 137 -3.12 0.50 -0.22
C LEU A 137 -3.56 0.22 1.19
N ALA A 138 -2.65 -0.38 1.96
CA ALA A 138 -2.81 -0.80 3.36
C ALA A 138 -1.49 -0.57 4.07
N ALA A 139 -1.51 -0.46 5.42
CA ALA A 139 -0.34 -0.26 6.29
C ALA A 139 0.76 -1.27 6.10
N ARG A 140 0.43 -2.51 5.71
CA ARG A 140 1.45 -3.53 5.44
C ARG A 140 2.31 -3.20 4.19
N ASN A 141 1.81 -2.31 3.30
CA ASN A 141 2.52 -1.97 2.07
C ASN A 141 3.19 -0.60 2.11
N VAL A 142 3.08 0.07 3.26
CA VAL A 142 3.76 1.34 3.48
C VAL A 142 4.98 1.04 4.34
N LEU A 143 6.17 1.42 3.84
CA LEU A 143 7.46 1.17 4.48
C LEU A 143 8.02 2.39 5.17
N LEU A 144 8.67 2.20 6.34
CA LEU A 144 9.29 3.26 7.11
C LEU A 144 10.83 3.25 7.01
N ASP A 145 11.40 4.37 6.53
CA ASP A 145 12.85 4.55 6.35
C ASP A 145 13.48 5.11 7.62
N ASN A 146 12.80 6.07 8.23
CA ASN A 146 13.16 6.75 9.47
C ASN A 146 11.89 7.45 9.94
N ASP A 147 11.83 7.82 11.22
CA ASP A 147 10.70 8.46 11.88
C ASP A 147 10.04 9.62 11.11
N ARG A 148 10.71 10.10 10.04
CA ARG A 148 10.20 11.16 9.15
C ARG A 148 10.00 10.76 7.68
N LEU A 149 10.24 9.46 7.28
CA LEU A 149 10.14 9.06 5.88
C LEU A 149 9.50 7.72 5.51
N VAL A 150 8.35 7.80 4.83
CA VAL A 150 7.62 6.61 4.38
C VAL A 150 7.71 6.39 2.89
N LYS A 151 7.58 5.15 2.44
CA LYS A 151 7.59 4.82 1.02
C LYS A 151 6.53 3.78 0.74
N ILE A 152 5.62 3.98 -0.27
CA ILE A 152 4.69 2.92 -0.72
C ILE A 152 5.67 1.86 -1.24
N GLY A 153 5.56 0.66 -0.68
CA GLY A 153 6.53 -0.40 -0.88
C GLY A 153 6.25 -1.57 -1.78
N ASP A 154 4.97 -1.78 -2.16
CA ASP A 154 4.61 -2.90 -3.05
C ASP A 154 3.59 -2.49 -4.10
N PHE A 155 3.81 -2.93 -5.37
CA PHE A 155 2.96 -2.60 -6.51
C PHE A 155 2.42 -3.84 -7.25
N GLY A 156 2.37 -4.98 -6.54
CA GLY A 156 1.87 -6.26 -7.03
C GLY A 156 0.54 -6.24 -7.76
N LEU A 157 -0.40 -5.41 -7.29
CA LEU A 157 -1.74 -5.29 -7.89
C LEU A 157 -1.90 -3.98 -8.67
N ALA A 158 -0.81 -3.21 -8.86
CA ALA A 158 -0.91 -1.94 -9.59
C ALA A 158 -1.26 -2.20 -11.07
N LYS A 159 -2.01 -1.27 -11.67
CA LYS A 159 -2.52 -1.38 -13.03
C LYS A 159 -2.49 -0.01 -13.70
N ALA A 160 -2.15 0.02 -14.98
CA ALA A 160 -2.21 1.27 -15.73
C ALA A 160 -3.67 1.52 -16.11
N VAL A 161 -4.12 2.81 -16.08
CA VAL A 161 -5.50 3.16 -16.44
C VAL A 161 -5.46 3.70 -17.88
N PRO A 162 -6.17 3.03 -18.85
CA PRO A 162 -6.08 3.46 -20.27
C PRO A 162 -6.50 4.88 -20.61
N GLU A 163 -6.00 5.36 -21.76
CA GLU A 163 -6.16 6.69 -22.39
C GLU A 163 -7.13 7.70 -21.72
N GLY A 164 -8.44 7.41 -21.78
CA GLY A 164 -9.46 8.30 -21.23
C GLY A 164 -10.44 7.66 -20.27
N HIS A 165 -10.03 6.57 -19.59
CA HIS A 165 -10.84 5.85 -18.62
C HIS A 165 -10.66 6.44 -17.21
N GLU A 166 -11.73 6.38 -16.38
CA GLU A 166 -11.66 6.85 -14.98
C GLU A 166 -11.69 5.65 -14.04
N TYR A 167 -11.96 4.45 -14.60
CA TYR A 167 -11.97 3.17 -13.88
C TYR A 167 -11.30 2.03 -14.68
N TYR A 168 -10.91 0.95 -13.98
CA TYR A 168 -10.33 -0.27 -14.52
C TYR A 168 -11.19 -1.45 -14.06
N ARG A 169 -11.60 -2.33 -15.00
CA ARG A 169 -12.43 -3.50 -14.67
C ARG A 169 -11.57 -4.61 -14.12
N VAL A 170 -11.88 -5.07 -12.90
CA VAL A 170 -11.10 -6.10 -12.22
C VAL A 170 -11.77 -7.48 -12.23
N ARG A 171 -11.00 -8.58 -11.97
CA ARG A 171 -11.50 -9.97 -11.96
C ARG A 171 -11.70 -10.51 -10.53
N GLU A 172 -12.86 -11.16 -10.25
CA GLU A 172 -13.19 -11.75 -8.94
C GLU A 172 -12.09 -12.66 -8.37
N ASP A 173 -11.55 -12.27 -7.20
CA ASP A 173 -10.47 -12.96 -6.51
C ASP A 173 -10.72 -13.05 -5.00
N GLY A 174 -10.54 -14.25 -4.44
CA GLY A 174 -10.71 -14.52 -3.02
C GLY A 174 -9.51 -14.09 -2.18
N ASP A 175 -8.43 -13.64 -2.87
CA ASP A 175 -7.16 -13.18 -2.31
C ASP A 175 -7.11 -11.65 -2.09
N SER A 176 -8.03 -10.91 -2.74
CA SER A 176 -8.12 -9.44 -2.70
C SER A 176 -8.42 -8.82 -1.31
N PRO A 177 -7.82 -7.62 -1.00
CA PRO A 177 -8.08 -6.98 0.30
C PRO A 177 -9.47 -6.36 0.39
N VAL A 178 -10.48 -7.21 0.68
CA VAL A 178 -11.90 -6.87 0.74
C VAL A 178 -12.30 -5.76 1.74
N PHE A 179 -11.68 -5.75 2.94
CA PHE A 179 -12.00 -4.74 3.95
C PHE A 179 -11.37 -3.37 3.70
N TRP A 180 -10.49 -3.25 2.68
CA TRP A 180 -9.87 -1.99 2.24
C TRP A 180 -10.57 -1.49 0.97
N TYR A 181 -11.58 -2.25 0.50
CA TYR A 181 -12.25 -2.01 -0.76
C TYR A 181 -13.54 -1.21 -0.78
N ALA A 182 -13.61 -0.22 -1.66
CA ALA A 182 -14.78 0.65 -1.87
C ALA A 182 -16.01 -0.17 -2.38
N PRO A 183 -17.26 0.31 -2.13
CA PRO A 183 -18.44 -0.48 -2.59
C PRO A 183 -18.49 -0.77 -4.11
N GLU A 184 -18.04 0.17 -4.97
CA GLU A 184 -17.99 -0.01 -6.42
C GLU A 184 -17.08 -1.18 -6.86
N CYS A 185 -16.08 -1.53 -6.04
CA CYS A 185 -15.16 -2.63 -6.31
C CYS A 185 -15.82 -3.93 -5.96
N LEU A 186 -16.57 -3.95 -4.87
CA LEU A 186 -17.24 -5.14 -4.35
C LEU A 186 -18.48 -5.46 -5.17
N LYS A 187 -19.33 -4.45 -5.46
CA LYS A 187 -20.52 -4.74 -6.25
C LYS A 187 -20.30 -4.85 -7.77
N GLU A 188 -19.76 -3.78 -8.42
CA GLU A 188 -19.55 -3.66 -9.87
C GLU A 188 -18.18 -4.13 -10.39
N CYS A 189 -17.22 -4.52 -9.52
CA CYS A 189 -15.86 -4.91 -9.94
C CYS A 189 -15.14 -3.77 -10.70
N LYS A 190 -15.46 -2.49 -10.33
CA LYS A 190 -14.87 -1.30 -10.96
C LYS A 190 -13.87 -0.65 -10.01
N PHE A 191 -12.65 -0.43 -10.49
CA PHE A 191 -11.62 0.21 -9.69
C PHE A 191 -11.26 1.55 -10.27
N TYR A 192 -11.71 2.63 -9.62
CA TYR A 192 -11.42 4.00 -10.02
C TYR A 192 -10.25 4.48 -9.20
N TYR A 193 -9.65 5.62 -9.57
CA TYR A 193 -8.62 6.25 -8.77
C TYR A 193 -9.22 6.51 -7.37
N ALA A 194 -10.53 6.84 -7.33
CA ALA A 194 -11.33 7.08 -6.13
C ALA A 194 -11.43 5.89 -5.20
N SER A 195 -11.23 4.67 -5.73
CA SER A 195 -11.27 3.42 -4.96
C SER A 195 -10.03 3.33 -4.09
N ASP A 196 -8.88 3.85 -4.57
CA ASP A 196 -7.63 3.93 -3.82
C ASP A 196 -7.74 4.88 -2.64
N VAL A 197 -8.47 6.00 -2.83
CA VAL A 197 -8.76 7.01 -1.80
C VAL A 197 -9.49 6.35 -0.63
N TRP A 198 -10.47 5.46 -0.93
CA TRP A 198 -11.24 4.69 0.08
C TRP A 198 -10.24 3.86 0.92
N SER A 199 -9.31 3.13 0.26
CA SER A 199 -8.26 2.31 0.89
C SER A 199 -7.33 3.19 1.74
N PHE A 200 -7.10 4.45 1.31
CA PHE A 200 -6.30 5.38 2.11
C PHE A 200 -7.03 5.68 3.41
N GLY A 201 -8.35 5.84 3.32
CA GLY A 201 -9.22 6.06 4.46
C GLY A 201 -9.08 4.92 5.45
N VAL A 202 -9.02 3.66 4.95
CA VAL A 202 -8.86 2.45 5.77
C VAL A 202 -7.44 2.40 6.35
N THR A 203 -6.42 2.76 5.53
CA THR A 203 -5.00 2.86 5.95
C THR A 203 -4.86 3.85 7.11
N LEU A 204 -5.46 5.06 7.00
CA LEU A 204 -5.43 6.05 8.08
C LEU A 204 -6.08 5.49 9.34
N TYR A 205 -7.17 4.71 9.19
CA TYR A 205 -7.84 4.07 10.34
C TYR A 205 -6.87 3.10 11.02
N GLU A 206 -6.13 2.34 10.22
CA GLU A 206 -5.13 1.38 10.71
C GLU A 206 -4.03 2.09 11.51
N LEU A 207 -3.52 3.25 11.00
CA LEU A 207 -2.46 4.02 11.68
C LEU A 207 -2.92 4.52 13.03
N LEU A 208 -4.11 5.15 13.09
CA LEU A 208 -4.68 5.67 14.32
C LEU A 208 -5.04 4.57 15.32
N THR A 209 -5.10 3.31 14.89
CA THR A 209 -5.42 2.17 15.79
C THR A 209 -4.15 1.39 16.04
N TYR A 210 -2.98 2.00 15.71
CA TYR A 210 -1.64 1.43 15.89
C TYR A 210 -1.49 0.06 15.22
N CYS A 211 -2.33 -0.26 14.20
CA CYS A 211 -2.38 -1.56 13.51
C CYS A 211 -2.68 -2.69 14.50
N ASP A 212 -3.43 -2.37 15.55
CA ASP A 212 -3.85 -3.31 16.59
C ASP A 212 -4.86 -4.26 15.94
N SER A 213 -4.56 -5.56 15.95
CA SER A 213 -5.42 -6.63 15.42
C SER A 213 -6.82 -6.62 16.04
N ASN A 214 -6.92 -6.31 17.34
CA ASN A 214 -8.21 -6.28 18.05
C ASN A 214 -9.15 -5.19 17.53
N GLN A 215 -8.57 -4.13 16.91
CA GLN A 215 -9.30 -2.99 16.39
C GLN A 215 -9.31 -2.99 14.85
N SER A 216 -8.77 -4.06 14.21
CA SER A 216 -8.65 -4.21 12.76
C SER A 216 -9.98 -4.05 11.99
N PRO A 217 -9.95 -3.68 10.67
CA PRO A 217 -11.22 -3.55 9.93
C PRO A 217 -11.95 -4.88 9.89
N HIS A 218 -11.19 -5.99 9.67
CA HIS A 218 -11.69 -7.36 9.64
C HIS A 218 -12.55 -7.68 10.88
N THR A 219 -12.00 -7.44 12.09
CA THR A 219 -12.63 -7.67 13.38
C THR A 219 -13.84 -6.76 13.59
N LYS A 220 -13.70 -5.44 13.29
CA LYS A 220 -14.78 -4.45 13.46
C LYS A 220 -15.99 -4.71 12.53
N PHE A 221 -15.73 -5.14 11.27
CA PHE A 221 -16.76 -5.47 10.27
C PHE A 221 -17.49 -6.76 10.63
N THR A 222 -16.75 -7.73 11.24
CA THR A 222 -17.28 -9.00 11.75
C THR A 222 -18.32 -8.66 12.87
N GLU A 223 -17.95 -7.74 13.78
CA GLU A 223 -18.80 -7.23 14.89
C GLU A 223 -20.00 -6.46 14.32
N LEU A 224 -19.78 -5.72 13.21
CA LEU A 224 -20.77 -4.89 12.52
C LEU A 224 -21.85 -5.73 11.82
N ILE A 225 -21.50 -6.98 11.44
CA ILE A 225 -22.44 -7.94 10.84
C ILE A 225 -23.48 -8.32 11.94
N GLY A 226 -22.97 -8.65 13.14
CA GLY A 226 -23.79 -9.01 14.30
C GLY A 226 -23.67 -10.47 14.70
N GLN A 231 -17.62 -14.18 0.38
CA GLN A 231 -18.59 -13.76 -0.64
C GLN A 231 -19.96 -13.50 -0.02
N MET A 232 -20.34 -14.27 1.03
CA MET A 232 -21.56 -14.03 1.83
C MET A 232 -21.24 -12.84 2.77
N THR A 233 -19.95 -12.76 3.18
CA THR A 233 -19.29 -11.72 3.95
C THR A 233 -19.23 -10.46 3.07
N VAL A 234 -18.70 -10.58 1.82
CA VAL A 234 -18.61 -9.49 0.83
C VAL A 234 -20.01 -8.94 0.55
N LEU A 235 -21.00 -9.83 0.39
CA LEU A 235 -22.39 -9.48 0.13
C LEU A 235 -22.97 -8.63 1.26
N ARG A 236 -22.82 -9.10 2.52
CA ARG A 236 -23.29 -8.40 3.72
C ARG A 236 -22.51 -7.09 3.96
N LEU A 237 -21.19 -7.06 3.60
CA LEU A 237 -20.34 -5.87 3.70
C LEU A 237 -20.83 -4.75 2.77
N THR A 238 -21.25 -5.10 1.53
CA THR A 238 -21.77 -4.14 0.53
C THR A 238 -23.03 -3.42 1.02
N GLU A 239 -23.93 -4.15 1.74
CA GLU A 239 -25.19 -3.65 2.30
C GLU A 239 -24.90 -2.67 3.41
N LEU A 240 -23.97 -3.06 4.31
CA LEU A 240 -23.45 -2.30 5.44
C LEU A 240 -22.90 -0.95 4.93
N LEU A 241 -21.99 -1.01 3.93
CA LEU A 241 -21.38 0.19 3.35
C LEU A 241 -22.38 1.07 2.56
N GLU A 242 -23.46 0.46 2.02
CA GLU A 242 -24.49 1.20 1.30
C GLU A 242 -25.48 1.84 2.26
N ARG A 243 -25.75 1.17 3.42
CA ARG A 243 -26.62 1.70 4.49
C ARG A 243 -26.01 2.97 5.09
N GLY A 244 -24.73 3.23 4.78
CA GLY A 244 -23.97 4.38 5.26
C GLY A 244 -23.04 4.07 6.43
N GLU A 245 -23.06 2.83 6.93
CA GLU A 245 -22.23 2.34 8.03
C GLU A 245 -20.74 2.34 7.68
N ARG A 246 -19.93 2.85 8.64
CA ARG A 246 -18.48 2.99 8.51
C ARG A 246 -17.70 2.42 9.70
N LEU A 247 -16.35 2.50 9.64
CA LEU A 247 -15.49 2.07 10.75
C LEU A 247 -15.62 3.08 11.91
N PRO A 248 -15.52 2.64 13.18
CA PRO A 248 -15.69 3.60 14.29
C PRO A 248 -14.56 4.64 14.33
N ARG A 249 -14.80 5.76 15.02
CA ARG A 249 -13.78 6.80 15.21
C ARG A 249 -12.82 6.27 16.26
N PRO A 250 -11.53 6.07 15.91
CA PRO A 250 -10.58 5.56 16.92
C PRO A 250 -10.39 6.53 18.09
N ASP A 251 -10.33 5.99 19.33
CA ASP A 251 -10.08 6.80 20.54
C ASP A 251 -8.63 7.24 20.29
N ARG A 252 -8.39 8.56 20.06
CA ARG A 252 -7.09 9.16 19.74
C ARG A 252 -7.26 10.03 18.49
N CYS A 253 -8.20 9.66 17.62
CA CYS A 253 -8.48 10.38 16.39
C CYS A 253 -9.31 11.63 16.67
N PRO A 254 -8.77 12.85 16.42
CA PRO A 254 -9.60 14.06 16.55
C PRO A 254 -10.69 14.09 15.46
N CYS A 255 -11.86 14.71 15.77
CA CYS A 255 -13.02 14.79 14.84
C CYS A 255 -12.76 15.28 13.41
N GLU A 256 -11.86 16.27 13.22
CA GLU A 256 -11.50 16.78 11.88
C GLU A 256 -10.89 15.69 10.96
N ILE A 257 -10.11 14.74 11.56
CA ILE A 257 -9.44 13.63 10.90
C ILE A 257 -10.43 12.52 10.62
N TYR A 258 -11.38 12.29 11.54
CA TYR A 258 -12.42 11.28 11.34
C TYR A 258 -13.35 11.69 10.17
N HIS A 259 -13.55 13.01 10.02
CA HIS A 259 -14.31 13.65 8.94
C HIS A 259 -13.61 13.35 7.61
N LEU A 260 -12.27 13.56 7.56
CA LEU A 260 -11.38 13.32 6.44
C LEU A 260 -11.54 11.87 5.98
N MET A 261 -11.54 10.93 6.95
CA MET A 261 -11.71 9.50 6.72
C MET A 261 -13.10 9.23 6.14
N LYS A 262 -14.11 9.93 6.68
CA LYS A 262 -15.50 9.75 6.25
C LYS A 262 -15.73 10.26 4.85
N ASN A 263 -14.99 11.30 4.46
CA ASN A 263 -15.03 11.91 3.13
C ASN A 263 -14.38 10.95 2.14
N CYS A 264 -13.28 10.32 2.58
CA CYS A 264 -12.54 9.27 1.85
C CYS A 264 -13.43 8.08 1.61
N TRP A 265 -14.35 7.81 2.57
CA TRP A 265 -15.34 6.74 2.50
C TRP A 265 -16.71 7.20 2.02
N GLU A 266 -16.78 8.22 1.18
CA GLU A 266 -18.09 8.61 0.65
C GLU A 266 -18.60 7.45 -0.21
N THR A 267 -19.86 6.97 0.01
CA THR A 267 -20.44 5.84 -0.75
C THR A 267 -20.22 6.00 -2.29
N GLU A 268 -20.53 7.21 -2.81
CA GLU A 268 -20.39 7.57 -4.22
C GLU A 268 -18.98 8.06 -4.46
N ALA A 269 -18.24 7.29 -5.27
CA ALA A 269 -16.83 7.53 -5.63
C ALA A 269 -16.48 8.93 -6.14
N SER A 270 -17.38 9.58 -6.90
CA SER A 270 -17.19 10.93 -7.48
C SER A 270 -17.04 12.01 -6.40
N PHE A 271 -17.76 11.85 -5.28
CA PHE A 271 -17.78 12.73 -4.10
C PHE A 271 -16.51 12.67 -3.21
N ARG A 272 -15.70 11.61 -3.34
CA ARG A 272 -14.51 11.48 -2.49
C ARG A 272 -13.44 12.48 -2.87
N PRO A 273 -12.67 13.00 -1.89
CA PRO A 273 -11.55 13.88 -2.25
C PRO A 273 -10.50 13.15 -3.07
N THR A 274 -9.70 13.93 -3.74
CA THR A 274 -8.63 13.48 -4.59
C THR A 274 -7.36 13.43 -3.70
N PHE A 275 -6.30 12.68 -4.11
CA PHE A 275 -5.06 12.63 -3.33
C PHE A 275 -4.37 13.98 -3.33
N GLN A 276 -4.49 14.73 -4.44
CA GLN A 276 -3.95 16.10 -4.61
C GLN A 276 -4.65 17.05 -3.59
N ASN A 277 -5.94 16.79 -3.26
CA ASN A 277 -6.73 17.52 -2.28
C ASN A 277 -6.31 17.19 -0.87
N LEU A 278 -6.00 15.89 -0.59
CA LEU A 278 -5.66 15.38 0.74
C LEU A 278 -4.32 15.89 1.26
N VAL A 279 -3.33 16.06 0.37
CA VAL A 279 -1.99 16.55 0.72
C VAL A 279 -2.03 17.88 1.53
N PRO A 280 -2.67 19.00 1.06
CA PRO A 280 -2.67 20.23 1.88
C PRO A 280 -3.40 20.09 3.20
N ILE A 281 -4.62 19.49 3.19
CA ILE A 281 -5.44 19.28 4.39
C ILE A 281 -4.61 18.56 5.45
N LEU A 282 -3.97 17.42 5.07
CA LEU A 282 -3.13 16.64 5.98
C LEU A 282 -1.90 17.39 6.43
N GLN A 283 -1.25 18.17 5.52
CA GLN A 283 -0.08 18.96 5.89
C GLN A 283 -0.45 19.96 7.01
N THR A 284 -1.62 20.63 6.86
CA THR A 284 -2.20 21.58 7.82
C THR A 284 -2.41 20.86 9.14
N ALA A 285 -3.20 19.77 9.12
CA ALA A 285 -3.54 18.95 10.28
C ALA A 285 -2.29 18.50 11.04
N GLN A 286 -1.27 18.06 10.30
CA GLN A 286 0.00 17.61 10.84
C GLN A 286 0.72 18.81 11.46
N GLU A 287 0.66 19.97 10.80
CA GLU A 287 1.34 21.19 11.28
C GLU A 287 0.71 21.70 12.57
N LYS A 288 -0.64 21.63 12.65
CA LYS A 288 -1.42 22.02 13.83
C LYS A 288 -1.05 21.17 15.06
N TYR A 289 -0.88 19.83 14.88
CA TYR A 289 -0.55 18.90 15.97
C TYR A 289 0.95 18.81 16.24
N GLN A 290 1.33 18.74 17.52
CA GLN A 290 2.74 18.69 17.95
C GLN A 290 2.84 18.52 19.47
O2 0MY B . 1.76 -8.25 2.71
S1 0MY B . 3.17 -8.14 2.36
O1 0MY B . 3.95 -9.02 3.21
C14 0MY B . 3.41 -8.53 0.79
C17 0MY B . 4.62 -9.12 0.39
C18 0MY B . 4.86 -9.41 -0.96
CL1 0MY B . 6.11 -10.09 -1.38
C19 0MY B . 3.87 -9.09 -1.91
C16 0MY B . 2.69 -8.45 -1.52
C15 0MY B . 2.46 -8.16 -0.18
N4 0MY B . 3.73 -6.62 2.54
C11 0MY B . 5.00 -6.16 2.25
C10 0MY B . 5.20 -5.22 1.23
C9 0MY B . 6.51 -4.77 0.94
C12 0MY B . 6.13 -6.62 2.96
C13 0MY B . 7.44 -6.19 2.67
C8 0MY B . 7.64 -5.27 1.63
C1 0MY B . 9.00 -4.69 1.30
C4 0MY B . 9.84 -4.37 2.37
C6 0MY B . 11.07 -3.74 2.14
C5 0MY B . 12.08 -3.31 2.99
N3 0MY B . 12.06 -3.47 4.35
N2 0MY B . 13.08 -2.72 2.33
C7 0MY B . 11.46 -3.38 0.85
N1 0MY B . 12.68 -2.76 0.98
C3 0MY B . 10.62 -3.67 -0.23
C2 0MY B . 9.39 -4.31 -0.01
#